data_3MEU
#
_entry.id   3MEU
#
_cell.length_a   50.140
_cell.length_b   65.483
_cell.length_c   106.004
_cell.angle_alpha   90.00
_cell.angle_beta   90.00
_cell.angle_gamma   90.00
#
_symmetry.space_group_name_H-M   'P 21 21 21'
#
loop_
_entity.id
_entity.type
_entity.pdbx_description
1 polymer 'SAGA-associated factor 29 homolog'
2 polymer 'Histone H3'
3 non-polymer 'SULFATE ION'
4 water water
#
loop_
_entity_poly.entity_id
_entity_poly.type
_entity_poly.pdbx_seq_one_letter_code
_entity_poly.pdbx_strand_id
1 'polypeptide(L)'
;GRRGVL(MSE)TLLQQSA(MSE)TLPLWIGKPGDKPPPLCGAIPASGDYVARPGDKVAARVKAVDGDEQWILAEVVSYSH
ATNKYEVDDIDEEGKERHTLSRRRVIPLPQWKANPETDPEALFQKEQLVLALYPQTTCFYRALIHAPPQRPQDDYSVLFE
DTSYADGYSPPLNVAQRYVVACKEPKKK
;
A,B
2 'polypeptide(L)' A(2MR)T(M3L)QTARKSTGGY C,D
#
loop_
_chem_comp.id
_chem_comp.type
_chem_comp.name
_chem_comp.formula
SO4 non-polymer 'SULFATE ION' 'O4 S -2'
#
# COMPACT_ATOMS: atom_id res chain seq x y z
N GLY A 1 10.89 -8.97 35.55
CA GLY A 1 10.82 -7.48 35.66
C GLY A 1 10.36 -6.86 34.36
N ARG A 2 10.42 -5.53 34.30
CA ARG A 2 9.96 -4.80 33.14
C ARG A 2 10.56 -5.27 31.82
N ARG A 3 11.87 -5.46 31.77
CA ARG A 3 12.52 -5.84 30.51
C ARG A 3 12.01 -7.17 29.95
N GLY A 4 11.88 -8.16 30.82
CA GLY A 4 11.30 -9.45 30.46
C GLY A 4 9.85 -9.33 30.04
N VAL A 5 9.06 -8.58 30.82
CA VAL A 5 7.66 -8.39 30.52
C VAL A 5 7.47 -7.84 29.12
N LEU A 6 8.23 -6.79 28.79
CA LEU A 6 8.16 -6.18 27.47
C LEU A 6 8.50 -7.14 26.37
N MSE A 7 9.61 -7.86 26.50
CA MSE A 7 10.02 -8.79 25.42
C MSE A 7 9.05 -9.95 25.25
O MSE A 7 8.84 -10.43 24.13
CB MSE A 7 11.42 -9.32 25.67
CG MSE A 7 12.46 -8.20 25.57
SE MSE A 7 12.57 -7.27 23.89
CE MSE A 7 11.97 -5.40 24.36
N THR A 8 8.48 -10.42 26.36
CA THR A 8 7.41 -11.42 26.27
C THR A 8 6.20 -10.89 25.55
N LEU A 9 5.77 -9.68 25.91
CA LEU A 9 4.63 -9.08 25.22
C LEU A 9 4.82 -9.02 23.73
N LEU A 10 6.00 -8.60 23.29
CA LEU A 10 6.31 -8.59 21.85
C LEU A 10 6.15 -9.93 21.18
N GLN A 11 6.68 -10.97 21.80
CA GLN A 11 6.50 -12.32 21.28
C GLN A 11 5.05 -12.77 21.21
N GLN A 12 4.29 -12.52 22.26
CA GLN A 12 2.87 -12.86 22.28
C GLN A 12 2.19 -12.24 21.07
N SER A 13 2.40 -10.94 20.82
CA SER A 13 1.70 -10.29 19.76
C SER A 13 2.19 -10.76 18.39
N ALA A 14 3.49 -10.96 18.26
CA ALA A 14 3.99 -11.46 16.97
C ALA A 14 3.52 -12.87 16.65
N MSE A 15 3.56 -13.76 17.65
CA MSE A 15 3.22 -15.17 17.43
C MSE A 15 1.74 -15.40 17.25
O MSE A 15 1.35 -16.34 16.57
CB MSE A 15 3.66 -16.06 18.61
CG MSE A 15 5.15 -16.22 18.81
SE MSE A 15 5.55 -17.48 20.27
CE MSE A 15 4.14 -16.95 21.53
N THR A 16 0.92 -14.59 17.90
CA THR A 16 -0.51 -14.83 17.81
C THR A 16 -1.15 -14.18 16.57
N LEU A 17 -0.36 -13.45 15.78
CA LEU A 17 -0.91 -12.84 14.56
C LEU A 17 -1.45 -13.89 13.61
N PRO A 18 -2.77 -13.88 13.33
CA PRO A 18 -3.29 -14.97 12.51
C PRO A 18 -2.78 -14.96 11.08
N LEU A 19 -2.56 -16.14 10.53
CA LEU A 19 -2.19 -16.27 9.14
C LEU A 19 -3.39 -16.14 8.21
N TRP A 20 -3.27 -15.35 7.14
CA TRP A 20 -4.35 -15.26 6.16
C TRP A 20 -4.40 -16.53 5.36
N ILE A 21 -5.55 -17.19 5.44
CA ILE A 21 -5.84 -18.41 4.68
C ILE A 21 -7.01 -18.16 3.73
N GLY A 22 -6.69 -17.82 2.49
CA GLY A 22 -7.75 -17.63 1.50
C GLY A 22 -8.02 -18.92 0.76
N LYS A 23 -8.96 -18.88 -0.16
CA LYS A 23 -9.16 -19.98 -1.06
C LYS A 23 -8.96 -19.41 -2.47
N PRO A 24 -8.90 -20.29 -3.49
CA PRO A 24 -8.61 -19.78 -4.84
C PRO A 24 -9.57 -18.67 -5.25
N GLY A 25 -9.03 -17.58 -5.77
CA GLY A 25 -9.84 -16.41 -6.07
C GLY A 25 -9.76 -15.27 -5.06
N ASP A 26 -9.55 -15.60 -3.78
CA ASP A 26 -9.55 -14.56 -2.76
C ASP A 26 -8.28 -13.75 -2.82
N LYS A 27 -8.41 -12.47 -2.57
CA LYS A 27 -7.21 -11.65 -2.45
C LYS A 27 -6.93 -11.38 -0.98
N PRO A 28 -5.67 -11.12 -0.65
CA PRO A 28 -5.34 -10.77 0.73
C PRO A 28 -6.01 -9.43 1.10
N PRO A 29 -6.57 -9.35 2.32
CA PRO A 29 -7.35 -8.16 2.66
C PRO A 29 -6.47 -6.99 3.08
N PRO A 30 -7.06 -5.77 3.16
CA PRO A 30 -6.36 -4.68 3.86
C PRO A 30 -5.88 -5.15 5.25
N LEU A 31 -4.67 -4.72 5.59
CA LEU A 31 -4.02 -5.12 6.87
C LEU A 31 -3.58 -6.57 6.94
N CYS A 32 -3.54 -7.27 5.81
CA CYS A 32 -2.78 -8.51 5.72
C CYS A 32 -1.38 -8.16 5.26
N GLY A 33 -0.39 -8.40 6.12
CA GLY A 33 1.01 -8.16 5.75
C GLY A 33 1.19 -6.70 5.33
N ALA A 34 1.66 -6.52 4.11
CA ALA A 34 1.96 -5.24 3.53
C ALA A 34 0.75 -4.55 2.85
N ILE A 35 -0.41 -5.21 2.78
CA ILE A 35 -1.56 -4.57 2.14
C ILE A 35 -2.05 -3.43 3.05
N PRO A 36 -2.07 -2.18 2.55
CA PRO A 36 -2.42 -1.05 3.41
C PRO A 36 -3.87 -1.05 3.84
N ALA A 37 -4.13 -0.34 4.94
CA ALA A 37 -5.50 -0.07 5.35
C ALA A 37 -6.28 0.66 4.26
N SER A 38 -7.59 0.49 4.28
CA SER A 38 -8.43 1.26 3.36
C SER A 38 -8.29 2.75 3.66
N GLY A 39 -8.60 3.56 2.67
CA GLY A 39 -8.63 5.00 2.93
C GLY A 39 -9.74 5.25 3.95
N ASP A 40 -9.54 6.20 4.84
CA ASP A 40 -10.55 6.49 5.88
C ASP A 40 -10.71 5.40 6.93
N TYR A 41 -9.84 4.38 6.96
CA TYR A 41 -9.87 3.38 8.01
C TYR A 41 -9.66 4.01 9.39
N VAL A 42 -10.40 3.50 10.37
CA VAL A 42 -10.24 3.89 11.77
C VAL A 42 -9.99 2.62 12.56
N ALA A 43 -8.85 2.57 13.27
CA ALA A 43 -8.50 1.41 14.07
C ALA A 43 -9.42 1.31 15.29
N ARG A 44 -9.63 0.09 15.77
CA ARG A 44 -10.57 -0.17 16.85
C ARG A 44 -9.87 -0.24 18.20
N PRO A 45 -10.61 0.05 19.31
CA PRO A 45 -10.01 -0.21 20.63
C PRO A 45 -9.36 -1.60 20.75
N GLY A 46 -8.13 -1.63 21.23
CA GLY A 46 -7.41 -2.88 21.37
C GLY A 46 -6.46 -3.19 20.24
N ASP A 47 -6.63 -2.53 19.10
CA ASP A 47 -5.73 -2.74 17.96
C ASP A 47 -4.35 -2.19 18.26
N LYS A 48 -3.33 -2.92 17.81
CA LYS A 48 -1.95 -2.44 17.95
C LYS A 48 -1.59 -1.52 16.80
N VAL A 49 -0.82 -0.48 17.13
CA VAL A 49 -0.42 0.54 16.17
C VAL A 49 1.02 0.95 16.43
N ALA A 50 1.62 1.57 15.40
CA ALA A 50 2.78 2.41 15.58
C ALA A 50 2.25 3.83 15.74
N ALA A 51 2.70 4.49 16.80
CA ALA A 51 2.19 5.80 17.18
C ALA A 51 3.33 6.79 17.30
N ARG A 52 3.21 7.90 16.59
CA ARG A 52 4.26 8.92 16.58
C ARG A 52 4.04 9.93 17.69
N VAL A 53 4.84 9.82 18.74
CA VAL A 53 4.64 10.61 19.96
C VAL A 53 5.89 11.44 20.24
N LYS A 54 5.69 12.62 20.81
CA LYS A 54 6.81 13.41 21.31
C LYS A 54 6.97 13.23 22.83
N ALA A 55 8.20 13.32 23.30
CA ALA A 55 8.42 13.46 24.73
C ALA A 55 8.22 14.92 25.18
N VAL A 56 8.33 15.14 26.48
CA VAL A 56 8.38 16.49 27.04
C VAL A 56 9.66 17.21 26.57
N ASP A 57 10.76 16.48 26.35
CA ASP A 57 12.01 17.04 25.78
C ASP A 57 12.13 17.04 24.23
N GLY A 58 11.08 16.63 23.54
CA GLY A 58 10.91 17.01 22.14
C GLY A 58 11.17 16.01 21.03
N ASP A 59 11.94 14.96 21.31
CA ASP A 59 12.23 14.01 20.27
C ASP A 59 11.02 13.17 19.92
N GLU A 60 10.78 13.06 18.63
CA GLU A 60 9.70 12.25 18.08
C GLU A 60 10.14 10.78 18.03
N GLN A 61 9.26 9.86 18.45
CA GLN A 61 9.50 8.39 18.31
C GLN A 61 8.22 7.77 17.79
N TRP A 62 8.36 6.77 16.93
CA TRP A 62 7.26 5.84 16.65
C TRP A 62 7.29 4.75 17.68
N ILE A 63 6.29 4.70 18.55
CA ILE A 63 6.28 3.70 19.60
C ILE A 63 5.22 2.62 19.31
N LEU A 64 5.43 1.45 19.90
CA LEU A 64 4.40 0.42 19.90
C LEU A 64 3.31 0.75 20.93
N ALA A 65 2.07 0.81 20.46
CA ALA A 65 0.96 1.27 21.28
C ALA A 65 -0.31 0.52 20.95
N GLU A 66 -1.33 0.72 21.78
CA GLU A 66 -2.65 0.12 21.57
C GLU A 66 -3.72 1.20 21.56
N VAL A 67 -4.66 1.11 20.63
CA VAL A 67 -5.77 2.04 20.59
C VAL A 67 -6.68 1.90 21.79
N VAL A 68 -7.00 3.03 22.39
CA VAL A 68 -7.98 3.12 23.47
C VAL A 68 -9.32 3.59 22.94
N SER A 69 -9.31 4.64 22.15
CA SER A 69 -10.56 5.20 21.63
C SER A 69 -10.27 5.98 20.37
N TYR A 70 -11.34 6.32 19.63
CA TYR A 70 -11.25 7.27 18.52
C TYR A 70 -12.46 8.17 18.59
N SER A 71 -12.23 9.49 18.52
CA SER A 71 -13.33 10.47 18.55
C SER A 71 -13.61 10.99 17.15
N HIS A 72 -14.81 10.73 16.64
CA HIS A 72 -15.22 11.28 15.35
C HIS A 72 -15.50 12.79 15.42
N ALA A 73 -15.67 13.32 16.62
CA ALA A 73 -15.90 14.75 16.82
C ALA A 73 -14.64 15.55 16.50
N THR A 74 -13.48 15.01 16.90
CA THR A 74 -12.20 15.70 16.75
C THR A 74 -11.25 14.99 15.80
N ASN A 75 -11.65 13.80 15.34
CA ASN A 75 -10.81 12.94 14.51
C ASN A 75 -9.45 12.58 15.12
N LYS A 76 -9.48 12.31 16.43
CA LYS A 76 -8.29 11.99 17.22
C LYS A 76 -8.44 10.63 17.87
N TYR A 77 -7.32 9.90 17.92
CA TYR A 77 -7.21 8.69 18.69
C TYR A 77 -6.74 9.01 20.09
N GLU A 78 -7.06 8.11 21.03
CA GLU A 78 -6.25 7.97 22.24
C GLU A 78 -5.54 6.64 22.13
N VAL A 79 -4.24 6.64 22.46
CA VAL A 79 -3.47 5.40 22.49
C VAL A 79 -2.67 5.30 23.77
N ASP A 80 -2.50 4.06 24.19
CA ASP A 80 -1.66 3.71 25.34
C ASP A 80 -0.37 3.02 24.86
N ASP A 81 0.76 3.41 25.43
CA ASP A 81 2.04 2.73 25.25
C ASP A 81 1.89 1.28 25.71
N ILE A 82 2.47 0.32 24.98
CA ILE A 82 2.47 -1.08 25.44
C ILE A 82 3.26 -1.28 26.73
N ASP A 83 4.19 -0.36 26.99
CA ASP A 83 4.99 -0.32 28.21
C ASP A 83 4.25 0.41 29.32
N GLU A 84 4.11 -0.25 30.47
CA GLU A 84 3.53 0.40 31.66
C GLU A 84 4.30 1.64 32.18
N GLU A 85 5.59 1.76 31.86
CA GLU A 85 6.37 2.95 32.22
C GLU A 85 5.97 4.21 31.45
N GLY A 86 5.23 4.03 30.36
CA GLY A 86 4.71 5.15 29.59
C GLY A 86 3.36 5.50 30.18
N LYS A 87 3.38 6.45 31.11
CA LYS A 87 2.21 6.76 31.94
C LYS A 87 1.22 7.74 31.32
N GLU A 88 1.53 8.22 30.12
CA GLU A 88 0.71 9.19 29.42
C GLU A 88 -0.07 8.55 28.29
N ARG A 89 -1.40 8.65 28.36
CA ARG A 89 -2.27 8.27 27.26
C ARG A 89 -2.21 9.41 26.26
N HIS A 90 -1.85 9.11 25.03
CA HIS A 90 -1.61 10.12 24.03
C HIS A 90 -2.83 10.36 23.14
N THR A 91 -3.19 11.63 22.94
CA THR A 91 -4.18 12.04 21.93
C THR A 91 -3.45 12.33 20.62
N LEU A 92 -3.84 11.68 19.54
CA LEU A 92 -3.06 11.73 18.30
C LEU A 92 -3.96 11.90 17.10
N SER A 93 -3.48 12.69 16.14
CA SER A 93 -4.10 12.78 14.82
C SER A 93 -3.93 11.45 14.06
N ARG A 94 -4.75 11.23 13.05
CA ARG A 94 -4.67 10.01 12.27
C ARG A 94 -3.32 9.79 11.61
N ARG A 95 -2.69 10.87 11.16
CA ARG A 95 -1.42 10.76 10.47
C ARG A 95 -0.28 10.34 11.41
N ARG A 96 -0.54 10.38 12.72
CA ARG A 96 0.44 9.89 13.73
C ARG A 96 0.19 8.43 14.16
N VAL A 97 -0.73 7.74 13.49
CA VAL A 97 -1.07 6.38 13.84
C VAL A 97 -1.04 5.51 12.61
N ILE A 98 -0.24 4.44 12.65
CA ILE A 98 -0.18 3.44 11.59
C ILE A 98 -0.68 2.10 12.17
N PRO A 99 -1.78 1.55 11.62
CA PRO A 99 -2.24 0.26 12.15
C PRO A 99 -1.24 -0.84 11.83
N LEU A 100 -0.92 -1.69 12.79
CA LEU A 100 -0.12 -2.87 12.46
C LEU A 100 -0.98 -3.87 11.68
N PRO A 101 -0.35 -4.73 10.90
CA PRO A 101 -1.15 -5.74 10.21
C PRO A 101 -1.92 -6.61 11.20
N GLN A 102 -3.09 -7.05 10.77
CA GLN A 102 -3.97 -7.90 11.55
C GLN A 102 -3.94 -9.34 11.07
N TRP A 103 -3.24 -9.60 9.96
CA TRP A 103 -2.90 -10.96 9.50
C TRP A 103 -1.46 -10.95 9.06
N LYS A 104 -0.79 -12.11 9.17
CA LYS A 104 0.45 -12.38 8.47
C LYS A 104 0.11 -12.88 7.08
N ALA A 105 0.96 -12.53 6.13
CA ALA A 105 0.84 -13.05 4.80
C ALA A 105 1.63 -14.35 4.69
N ASN A 106 1.06 -15.34 4.03
CA ASN A 106 1.76 -16.58 3.81
C ASN A 106 2.61 -16.44 2.55
N PRO A 107 3.95 -16.48 2.66
CA PRO A 107 4.77 -16.28 1.46
C PRO A 107 4.46 -17.30 0.37
N GLU A 108 3.97 -18.48 0.78
CA GLU A 108 3.69 -19.58 -0.14
C GLU A 108 2.41 -19.42 -0.93
N THR A 109 1.52 -18.51 -0.52
CA THR A 109 0.22 -18.35 -1.20
C THR A 109 -0.08 -16.91 -1.59
N ASP A 110 0.46 -15.95 -0.83
CA ASP A 110 0.15 -14.53 -1.06
C ASP A 110 1.40 -13.63 -1.03
N PRO A 111 2.38 -13.92 -1.88
CA PRO A 111 3.62 -13.14 -1.79
C PRO A 111 3.46 -11.67 -2.15
N GLU A 112 2.36 -11.31 -2.82
CA GLU A 112 2.09 -9.91 -3.13
C GLU A 112 1.76 -9.08 -1.89
N ALA A 113 1.43 -9.75 -0.80
CA ALA A 113 1.16 -9.11 0.46
C ALA A 113 2.40 -9.02 1.37
N LEU A 114 3.58 -9.26 0.81
CA LEU A 114 4.83 -9.01 1.53
C LEU A 114 5.53 -7.79 0.96
N PHE A 115 6.26 -7.06 1.79
CA PHE A 115 7.12 -6.00 1.26
C PHE A 115 8.23 -6.57 0.38
N GLN A 116 8.58 -5.85 -0.69
CA GLN A 116 9.63 -6.25 -1.64
C GLN A 116 11.00 -5.91 -1.10
N LYS A 117 12.00 -6.68 -1.53
CA LYS A 117 13.39 -6.35 -1.21
C LYS A 117 13.70 -4.89 -1.55
N GLU A 118 14.43 -4.25 -0.65
CA GLU A 118 14.83 -2.87 -0.74
C GLU A 118 13.72 -1.84 -0.57
N GLN A 119 12.49 -2.26 -0.25
CA GLN A 119 11.47 -1.26 0.13
C GLN A 119 11.82 -0.63 1.49
N LEU A 120 11.59 0.67 1.58
CA LEU A 120 11.68 1.40 2.84
C LEU A 120 10.46 1.12 3.68
N VAL A 121 10.68 0.79 4.95
CA VAL A 121 9.64 0.46 5.93
C VAL A 121 9.99 1.07 7.28
N LEU A 122 9.02 1.13 8.17
CA LEU A 122 9.27 1.30 9.61
C LEU A 122 9.21 -0.06 10.26
N ALA A 123 10.23 -0.38 11.07
CA ALA A 123 10.34 -1.71 11.65
C ALA A 123 10.75 -1.62 13.11
N LEU A 124 10.22 -2.52 13.93
CA LEU A 124 10.55 -2.51 15.36
C LEU A 124 12.01 -2.97 15.56
N TYR A 125 12.80 -2.15 16.24
CA TYR A 125 14.20 -2.47 16.42
C TYR A 125 14.39 -3.47 17.58
N PRO A 126 15.28 -4.48 17.43
CA PRO A 126 15.41 -5.48 18.49
C PRO A 126 15.75 -4.86 19.84
N GLN A 127 15.17 -5.46 20.88
CA GLN A 127 15.36 -5.07 22.28
C GLN A 127 14.76 -3.69 22.62
N THR A 128 13.86 -3.24 21.77
CA THR A 128 13.18 -1.95 21.98
C THR A 128 11.68 -2.16 21.77
N THR A 129 10.91 -1.12 22.04
CA THR A 129 9.50 -1.12 21.64
C THR A 129 9.21 -0.01 20.63
N CYS A 130 10.21 0.41 19.86
CA CYS A 130 10.06 1.52 18.92
C CYS A 130 10.43 1.13 17.48
N PHE A 131 9.85 1.87 16.53
CA PHE A 131 10.00 1.62 15.11
C PHE A 131 10.95 2.64 14.50
N TYR A 132 11.73 2.16 13.54
CA TYR A 132 12.73 2.98 12.87
C TYR A 132 12.81 2.62 11.39
N ARG A 133 13.29 3.57 10.60
CA ARG A 133 13.45 3.39 9.15
C ARG A 133 14.43 2.25 8.82
N ALA A 134 14.05 1.43 7.85
CA ALA A 134 14.82 0.25 7.45
C ALA A 134 14.49 -0.09 6.01
N LEU A 135 15.41 -0.77 5.35
CA LEU A 135 15.15 -1.36 4.05
C LEU A 135 14.93 -2.85 4.20
N ILE A 136 13.97 -3.40 3.47
CA ILE A 136 13.81 -4.86 3.49
C ILE A 136 15.05 -5.52 2.90
N HIS A 137 15.60 -6.50 3.61
CA HIS A 137 16.74 -7.26 3.10
C HIS A 137 16.26 -8.57 2.50
N ALA A 138 15.38 -9.27 3.21
CA ALA A 138 14.78 -10.49 2.69
C ALA A 138 13.38 -10.68 3.28
N PRO A 139 12.42 -11.07 2.44
CA PRO A 139 11.10 -11.41 2.97
C PRO A 139 11.13 -12.78 3.64
N PRO A 140 10.13 -13.08 4.48
CA PRO A 140 10.01 -14.43 5.05
C PRO A 140 9.80 -15.47 3.96
N GLN A 141 10.38 -16.65 4.14
CA GLN A 141 10.16 -17.73 3.18
C GLN A 141 8.94 -18.55 3.55
N ARG A 142 8.74 -18.72 4.85
CA ARG A 142 7.63 -19.53 5.35
C ARG A 142 6.84 -18.70 6.35
N PRO A 143 5.58 -19.10 6.66
CA PRO A 143 4.79 -18.30 7.59
C PRO A 143 5.44 -18.03 8.94
N GLN A 144 6.30 -18.93 9.40
CA GLN A 144 6.92 -18.74 10.72
C GLN A 144 8.06 -17.75 10.70
N ASP A 145 8.55 -17.39 9.52
CA ASP A 145 9.78 -16.59 9.43
C ASP A 145 9.58 -15.09 9.59
N ASP A 146 10.57 -14.44 10.17
CA ASP A 146 10.68 -12.98 10.21
C ASP A 146 11.16 -12.43 8.86
N TYR A 147 10.91 -11.15 8.63
CA TYR A 147 11.68 -10.39 7.64
C TYR A 147 13.08 -10.21 8.18
N SER A 148 14.02 -10.04 7.26
CA SER A 148 15.29 -9.42 7.67
CA SER A 148 15.36 -9.53 7.52
C SER A 148 15.36 -8.06 7.01
N VAL A 149 15.84 -7.11 7.80
CA VAL A 149 15.90 -5.70 7.37
C VAL A 149 17.26 -5.09 7.67
N LEU A 150 17.62 -4.06 6.92
CA LEU A 150 18.78 -3.22 7.24
C LEU A 150 18.27 -1.91 7.79
N PHE A 151 18.49 -1.64 9.08
CA PHE A 151 18.07 -0.35 9.66
C PHE A 151 19.01 0.74 9.22
N GLU A 152 18.48 1.93 8.95
CA GLU A 152 19.34 3.10 8.81
C GLU A 152 20.04 3.27 10.15
N ASP A 153 21.35 3.44 10.11
CA ASP A 153 22.16 3.51 11.33
C ASP A 153 23.46 4.24 11.02
N THR A 154 23.56 5.46 11.52
CA THR A 154 24.71 6.33 11.22
C THR A 154 26.00 5.89 11.91
N SER A 155 25.91 4.94 12.84
CA SER A 155 27.11 4.37 13.45
C SER A 155 27.90 3.44 12.52
N TYR A 156 27.33 3.12 11.36
CA TYR A 156 27.98 2.30 10.33
C TYR A 156 28.45 3.19 9.20
N ALA A 157 29.62 2.87 8.67
CA ALA A 157 30.23 3.70 7.61
C ALA A 157 29.35 3.79 6.37
N ASP A 158 28.61 2.71 6.06
CA ASP A 158 27.71 2.72 4.91
C ASP A 158 26.28 3.12 5.28
N GLY A 159 26.07 3.50 6.55
CA GLY A 159 24.77 4.01 7.00
C GLY A 159 23.69 2.97 7.30
N TYR A 160 24.04 1.69 7.29
CA TYR A 160 23.06 0.60 7.54
C TYR A 160 23.55 -0.40 8.55
N SER A 161 22.62 -0.89 9.37
CA SER A 161 22.89 -2.02 10.26
C SER A 161 23.13 -3.30 9.46
N PRO A 162 23.69 -4.34 10.12
CA PRO A 162 23.65 -5.69 9.57
C PRO A 162 22.18 -6.16 9.47
N PRO A 163 21.93 -7.25 8.75
CA PRO A 163 20.55 -7.76 8.71
C PRO A 163 20.05 -8.11 10.11
N LEU A 164 18.87 -7.61 10.45
CA LEU A 164 18.23 -7.92 11.72
C LEU A 164 16.82 -8.38 11.47
N ASN A 165 16.38 -9.33 12.27
CA ASN A 165 15.09 -9.95 12.06
C ASN A 165 13.93 -9.21 12.71
N VAL A 166 12.82 -9.09 11.99
CA VAL A 166 11.64 -8.41 12.52
C VAL A 166 10.41 -9.18 12.03
N ALA A 167 9.51 -9.51 12.96
CA ALA A 167 8.28 -10.25 12.62
C ALA A 167 7.35 -9.42 11.75
N GLN A 168 6.47 -10.11 11.02
CA GLN A 168 5.52 -9.42 10.17
C GLN A 168 4.64 -8.45 10.95
N ARG A 169 4.31 -8.78 12.21
CA ARG A 169 3.49 -7.89 13.00
C ARG A 169 4.08 -6.47 13.10
N TYR A 170 5.40 -6.38 12.96
CA TYR A 170 6.13 -5.18 13.33
C TYR A 170 6.87 -4.50 12.17
N VAL A 171 6.40 -4.74 10.97
CA VAL A 171 6.91 -4.05 9.77
C VAL A 171 5.75 -3.38 9.07
N VAL A 172 5.84 -2.06 8.93
CA VAL A 172 4.77 -1.30 8.31
C VAL A 172 5.35 -0.30 7.34
N ALA A 173 4.47 0.29 6.54
CA ALA A 173 4.87 1.27 5.56
C ALA A 173 5.49 2.50 6.23
N CYS A 174 6.45 3.09 5.51
CA CYS A 174 7.10 4.34 5.91
C CYS A 174 6.80 5.37 4.84
N LYS A 175 5.75 6.16 5.06
CA LYS A 175 5.27 7.11 4.05
C LYS A 175 5.38 8.56 4.52
N ARG B 3 -7.00 3.49 -33.46
CA ARG B 3 -5.98 3.15 -32.41
C ARG B 3 -5.18 4.39 -32.00
N GLY B 4 -4.75 5.17 -32.98
CA GLY B 4 -4.07 6.44 -32.71
C GLY B 4 -4.93 7.37 -31.89
N VAL B 5 -6.19 7.51 -32.28
CA VAL B 5 -7.12 8.38 -31.54
C VAL B 5 -7.36 7.89 -30.10
N LEU B 6 -7.53 6.58 -29.94
CA LEU B 6 -7.66 5.98 -28.61
C LEU B 6 -6.50 6.37 -27.71
N MSE B 7 -5.27 6.21 -28.19
CA MSE B 7 -4.12 6.53 -27.38
CA MSE B 7 -4.08 6.56 -27.40
C MSE B 7 -4.09 8.02 -27.02
O MSE B 7 -3.69 8.39 -25.92
CB MSE B 7 -2.84 6.09 -28.07
CB MSE B 7 -2.80 6.31 -28.19
CG MSE B 7 -2.75 4.57 -28.27
CG MSE B 7 -2.01 5.03 -27.88
SE MSE B 7 -2.86 3.67 -26.57
SE MSE B 7 -2.29 4.17 -26.15
CE MSE B 7 -1.81 5.01 -25.68
CE MSE B 7 -4.02 3.44 -26.68
N THR B 8 -4.54 8.86 -27.96
CA THR B 8 -4.59 10.30 -27.69
C THR B 8 -5.52 10.60 -26.53
N LEU B 9 -6.69 9.98 -26.53
CA LEU B 9 -7.66 10.21 -25.45
C LEU B 9 -7.13 9.70 -24.11
N LEU B 10 -6.48 8.54 -24.14
CA LEU B 10 -5.96 7.92 -22.92
C LEU B 10 -4.86 8.79 -22.30
N GLN B 11 -3.97 9.30 -23.14
CA GLN B 11 -2.91 10.15 -22.65
C GLN B 11 -3.50 11.45 -22.13
N GLN B 12 -4.48 11.99 -22.85
CA GLN B 12 -5.13 13.20 -22.33
C GLN B 12 -5.81 12.98 -21.00
N SER B 13 -6.38 11.79 -20.81
CA SER B 13 -7.03 11.47 -19.56
C SER B 13 -6.00 11.47 -18.43
N ALA B 14 -4.82 10.91 -18.68
CA ALA B 14 -3.73 10.98 -17.70
C ALA B 14 -3.35 12.42 -17.38
N MSE B 15 -3.23 13.23 -18.44
CA MSE B 15 -2.82 14.63 -18.34
CA MSE B 15 -2.78 14.61 -18.26
C MSE B 15 -3.80 15.47 -17.52
O MSE B 15 -3.41 16.27 -16.68
CB MSE B 15 -2.70 15.21 -19.76
CB MSE B 15 -2.38 15.26 -19.59
CG MSE B 15 -2.23 16.66 -19.84
CG MSE B 15 -1.75 16.66 -19.45
SE MSE B 15 -0.45 16.89 -19.11
SE MSE B 15 -0.67 17.18 -20.96
CE MSE B 15 0.43 15.38 -19.95
CE MSE B 15 1.01 16.37 -20.46
N THR B 16 -5.08 15.28 -17.80
CA THR B 16 -6.09 16.15 -17.20
C THR B 16 -6.50 15.74 -15.78
N LEU B 17 -6.02 14.60 -15.28
CA LEU B 17 -6.29 14.23 -13.88
C LEU B 17 -5.82 15.36 -12.97
N PRO B 18 -6.74 15.95 -12.18
CA PRO B 18 -6.34 17.13 -11.44
C PRO B 18 -5.45 16.80 -10.24
N LEU B 19 -4.52 17.71 -9.94
CA LEU B 19 -3.75 17.60 -8.73
C LEU B 19 -4.67 17.84 -7.57
N TRP B 20 -4.47 17.06 -6.51
CA TRP B 20 -5.10 17.35 -5.25
C TRP B 20 -4.33 18.55 -4.69
N ILE B 21 -5.03 19.65 -4.47
CA ILE B 21 -4.39 20.84 -3.94
C ILE B 21 -4.47 20.82 -2.43
N GLY B 22 -5.68 20.63 -1.92
CA GLY B 22 -5.91 20.53 -0.49
C GLY B 22 -5.64 21.86 0.19
N LYS B 23 -5.13 21.79 1.40
CA LYS B 23 -4.77 22.99 2.16
C LYS B 23 -3.65 22.60 3.12
N PRO B 24 -2.82 23.58 3.52
CA PRO B 24 -1.85 23.32 4.58
C PRO B 24 -2.54 22.80 5.84
N GLY B 25 -2.00 21.74 6.42
CA GLY B 25 -2.55 21.14 7.64
C GLY B 25 -3.38 19.91 7.36
N ASP B 26 -3.67 19.67 6.09
CA ASP B 26 -4.56 18.58 5.69
C ASP B 26 -3.83 17.36 5.13
N LYS B 27 -4.56 16.25 5.10
CA LYS B 27 -4.11 14.96 4.61
C LYS B 27 -4.86 14.67 3.30
N PRO B 28 -4.25 13.91 2.37
CA PRO B 28 -4.95 13.58 1.12
C PRO B 28 -6.12 12.60 1.25
N PRO B 29 -7.16 12.80 0.42
CA PRO B 29 -8.33 11.91 0.46
C PRO B 29 -8.11 10.53 -0.18
N PRO B 30 -8.99 9.55 0.12
CA PRO B 30 -9.01 8.29 -0.62
C PRO B 30 -9.08 8.56 -2.13
N LEU B 31 -8.31 7.80 -2.91
CA LEU B 31 -8.19 7.96 -4.35
C LEU B 31 -7.38 9.17 -4.79
N CYS B 32 -6.70 9.84 -3.88
CA CYS B 32 -5.58 10.69 -4.28
C CYS B 32 -4.33 9.83 -4.43
N GLY B 33 -3.84 9.73 -5.66
CA GLY B 33 -2.63 8.94 -5.90
C GLY B 33 -2.75 7.50 -5.42
N ALA B 34 -1.84 7.10 -4.52
CA ALA B 34 -1.80 5.76 -3.97
C ALA B 34 -2.72 5.52 -2.77
N ILE B 35 -3.40 6.55 -2.27
CA ILE B 35 -4.30 6.34 -1.11
C ILE B 35 -5.46 5.44 -1.55
N PRO B 36 -5.65 4.28 -0.89
CA PRO B 36 -6.68 3.35 -1.32
C PRO B 36 -8.08 3.93 -1.16
N ALA B 37 -9.01 3.38 -1.95
CA ALA B 37 -10.44 3.63 -1.78
C ALA B 37 -10.87 3.39 -0.34
N SER B 38 -11.92 4.09 0.07
CA SER B 38 -12.55 3.84 1.35
C SER B 38 -13.07 2.40 1.40
N GLY B 39 -13.22 1.94 2.64
CA GLY B 39 -13.85 0.68 2.91
C GLY B 39 -15.24 0.67 2.28
N ASP B 40 -15.52 -0.42 1.59
CA ASP B 40 -16.83 -0.66 1.01
C ASP B 40 -17.21 0.35 -0.10
N TYR B 41 -16.21 1.01 -0.70
CA TYR B 41 -16.41 1.95 -1.80
C TYR B 41 -17.01 1.28 -3.03
N VAL B 42 -17.91 2.01 -3.70
CA VAL B 42 -18.51 1.62 -5.01
C VAL B 42 -18.17 2.72 -6.01
N ALA B 43 -17.46 2.34 -7.07
CA ALA B 43 -17.15 3.27 -8.13
C ALA B 43 -18.43 3.70 -8.83
N ARG B 44 -18.39 4.90 -9.38
CA ARG B 44 -19.54 5.58 -9.94
C ARG B 44 -19.58 5.45 -11.45
N PRO B 45 -20.78 5.48 -12.06
CA PRO B 45 -20.83 5.46 -13.53
C PRO B 45 -19.95 6.54 -14.14
N GLY B 46 -19.16 6.18 -15.13
CA GLY B 46 -18.24 7.11 -15.77
C GLY B 46 -16.84 7.08 -15.19
N ASP B 47 -16.68 6.52 -13.99
CA ASP B 47 -15.34 6.45 -13.38
C ASP B 47 -14.44 5.46 -14.11
N LYS B 48 -13.17 5.81 -14.20
CA LYS B 48 -12.20 4.91 -14.80
C LYS B 48 -11.72 3.89 -13.77
N VAL B 49 -11.53 2.66 -14.23
CA VAL B 49 -11.10 1.56 -13.38
C VAL B 49 -10.15 0.64 -14.12
N ALA B 50 -9.39 -0.15 -13.36
CA ALA B 50 -8.77 -1.35 -13.88
C ALA B 50 -9.78 -2.47 -13.65
N ALA B 51 -10.04 -3.28 -14.67
CA ALA B 51 -11.05 -4.32 -14.61
C ALA B 51 -10.42 -5.64 -15.02
N ARG B 52 -10.61 -6.68 -14.20
CA ARG B 52 -9.99 -7.97 -14.44
C ARG B 52 -10.95 -8.85 -15.26
N VAL B 53 -10.63 -9.04 -16.53
CA VAL B 53 -11.48 -9.76 -17.46
C VAL B 53 -10.94 -11.15 -17.71
N LYS B 54 -11.81 -12.13 -17.46
CA LYS B 54 -11.49 -13.54 -17.71
C LYS B 54 -11.95 -13.90 -19.12
N ALA B 55 -11.00 -14.26 -19.98
CA ALA B 55 -11.32 -14.68 -21.34
C ALA B 55 -12.00 -16.06 -21.33
N VAL B 56 -12.61 -16.41 -22.46
CA VAL B 56 -13.35 -17.67 -22.55
C VAL B 56 -12.46 -18.89 -22.25
N ASP B 57 -11.17 -18.78 -22.58
CA ASP B 57 -10.20 -19.86 -22.31
C ASP B 57 -9.61 -19.80 -20.90
N GLY B 58 -10.08 -18.86 -20.10
CA GLY B 58 -9.68 -18.77 -18.71
C GLY B 58 -8.61 -17.74 -18.40
N ASP B 59 -7.96 -17.18 -19.43
CA ASP B 59 -6.88 -16.23 -19.19
C ASP B 59 -7.37 -14.94 -18.54
N GLU B 60 -6.61 -14.42 -17.57
CA GLU B 60 -7.00 -13.24 -16.79
C GLU B 60 -6.14 -12.03 -17.15
N GLN B 61 -6.81 -10.92 -17.50
CA GLN B 61 -6.10 -9.69 -17.86
C GLN B 61 -6.78 -8.48 -17.25
N TRP B 62 -6.01 -7.62 -16.57
CA TRP B 62 -6.51 -6.32 -16.12
C TRP B 62 -6.47 -5.34 -17.27
N ILE B 63 -7.62 -4.72 -17.54
CA ILE B 63 -7.76 -3.77 -18.63
C ILE B 63 -8.27 -2.42 -18.13
N LEU B 64 -8.06 -1.37 -18.92
CA LEU B 64 -8.64 -0.07 -18.64
C LEU B 64 -10.10 -0.06 -19.11
N ALA B 65 -10.99 0.36 -18.21
CA ALA B 65 -12.41 0.34 -18.47
C ALA B 65 -13.09 1.51 -17.79
N GLU B 66 -14.37 1.68 -18.08
CA GLU B 66 -15.17 2.73 -17.47
C GLU B 66 -16.43 2.08 -16.88
N VAL B 67 -16.77 2.45 -15.65
CA VAL B 67 -17.94 1.91 -14.99
C VAL B 67 -19.20 2.37 -15.71
N VAL B 68 -20.10 1.42 -15.94
CA VAL B 68 -21.40 1.70 -16.52
C VAL B 68 -22.46 1.78 -15.43
N SER B 69 -22.44 0.80 -14.55
CA SER B 69 -23.45 0.73 -13.53
C SER B 69 -23.01 -0.17 -12.41
N TYR B 70 -23.74 -0.07 -11.31
CA TYR B 70 -23.57 -1.01 -10.22
C TYR B 70 -24.94 -1.44 -9.79
N SER B 71 -25.06 -2.73 -9.54
CA SER B 71 -26.34 -3.31 -9.17
C SER B 71 -26.28 -3.80 -7.76
N HIS B 72 -27.13 -3.24 -6.91
CA HIS B 72 -27.29 -3.75 -5.56
C HIS B 72 -27.93 -5.14 -5.58
N ALA B 73 -28.73 -5.43 -6.60
CA ALA B 73 -29.39 -6.72 -6.73
C ALA B 73 -28.36 -7.87 -6.69
N THR B 74 -27.25 -7.70 -7.41
CA THR B 74 -26.24 -8.75 -7.55
C THR B 74 -24.89 -8.40 -6.95
N ASN B 75 -24.71 -7.14 -6.58
CA ASN B 75 -23.43 -6.64 -6.09
C ASN B 75 -22.32 -6.77 -7.17
N LYS B 76 -22.66 -6.49 -8.41
CA LYS B 76 -21.74 -6.56 -9.53
C LYS B 76 -21.78 -5.24 -10.23
N TYR B 77 -20.66 -4.96 -10.91
CA TYR B 77 -20.57 -3.85 -11.83
C TYR B 77 -20.80 -4.31 -13.27
N GLU B 78 -21.30 -3.40 -14.08
CA GLU B 78 -21.00 -3.45 -15.52
C GLU B 78 -19.93 -2.41 -15.81
N VAL B 79 -18.95 -2.79 -16.62
CA VAL B 79 -17.91 -1.87 -17.08
C VAL B 79 -17.78 -2.01 -18.58
N ASP B 80 -17.31 -0.96 -19.24
CA ASP B 80 -17.03 -0.96 -20.67
C ASP B 80 -15.54 -0.85 -20.93
N ASP B 81 -15.00 -1.78 -21.71
CA ASP B 81 -13.61 -1.73 -22.17
C ASP B 81 -13.41 -0.36 -22.84
N ILE B 82 -12.32 0.33 -22.48
CA ILE B 82 -12.06 1.68 -22.99
C ILE B 82 -11.87 1.70 -24.50
N ASP B 83 -11.50 0.56 -25.09
CA ASP B 83 -11.22 0.56 -26.52
C ASP B 83 -12.50 0.65 -27.36
N GLU B 84 -13.65 0.49 -26.69
CA GLU B 84 -14.99 0.68 -27.30
C GLU B 84 -15.26 -0.23 -28.49
N GLU B 85 -14.41 -1.23 -28.67
CA GLU B 85 -14.44 -2.07 -29.87
C GLU B 85 -15.34 -3.29 -29.65
N GLY B 86 -16.01 -3.73 -30.73
CA GLY B 86 -16.83 -4.94 -30.70
C GLY B 86 -17.80 -4.99 -29.55
N LYS B 87 -17.73 -6.05 -28.74
CA LYS B 87 -18.59 -6.13 -27.55
C LYS B 87 -17.82 -5.68 -26.31
N GLU B 88 -17.99 -4.42 -25.93
CA GLU B 88 -17.15 -3.78 -24.93
C GLU B 88 -17.53 -4.04 -23.47
N ARG B 89 -18.73 -4.54 -23.23
CA ARG B 89 -19.29 -4.55 -21.87
C ARG B 89 -18.98 -5.83 -21.11
N HIS B 90 -18.70 -5.70 -19.82
CA HIS B 90 -18.42 -6.87 -18.97
C HIS B 90 -19.09 -6.71 -17.62
N THR B 91 -19.72 -7.79 -17.13
CA THR B 91 -20.33 -7.83 -15.80
C THR B 91 -19.32 -8.51 -14.88
N LEU B 92 -18.97 -7.83 -13.79
CA LEU B 92 -17.81 -8.21 -12.98
C LEU B 92 -18.08 -8.06 -11.50
N SER B 93 -17.53 -8.99 -10.71
CA SER B 93 -17.49 -8.83 -9.25
C SER B 93 -16.72 -7.59 -8.80
N ARG B 94 -17.03 -7.11 -7.60
CA ARG B 94 -16.33 -5.94 -7.08
C ARG B 94 -14.81 -6.14 -6.97
N ARG B 95 -14.37 -7.35 -6.59
CA ARG B 95 -12.94 -7.57 -6.45
C ARG B 95 -12.19 -7.62 -7.79
N ARG B 96 -12.94 -7.64 -8.90
CA ARG B 96 -12.34 -7.50 -10.22
C ARG B 96 -12.29 -6.05 -10.71
N VAL B 97 -12.57 -5.09 -9.84
CA VAL B 97 -12.57 -3.68 -10.24
C VAL B 97 -11.75 -2.87 -9.24
N ILE B 98 -10.73 -2.18 -9.73
CA ILE B 98 -9.92 -1.28 -8.90
C ILE B 98 -10.16 0.13 -9.42
N PRO B 99 -10.68 1.02 -8.58
CA PRO B 99 -10.86 2.39 -9.04
C PRO B 99 -9.51 3.07 -9.32
N LEU B 100 -9.37 3.77 -10.43
CA LEU B 100 -8.17 4.56 -10.66
C LEU B 100 -8.20 5.79 -9.77
N PRO B 101 -7.03 6.36 -9.47
CA PRO B 101 -7.05 7.58 -8.68
C PRO B 101 -7.84 8.69 -9.35
N GLN B 102 -8.45 9.53 -8.52
CA GLN B 102 -9.24 10.66 -8.96
C GLN B 102 -8.48 11.96 -8.88
N TRP B 103 -7.33 11.93 -8.24
CA TRP B 103 -6.39 13.05 -8.24
C TRP B 103 -5.00 12.52 -8.37
N LYS B 104 -4.13 13.35 -8.98
CA LYS B 104 -2.69 13.17 -8.87
C LYS B 104 -2.28 13.61 -7.47
N ALA B 105 -1.43 12.84 -6.81
CA ALA B 105 -0.76 13.34 -5.60
C ALA B 105 0.35 14.28 -6.04
N ASN B 106 0.40 15.46 -5.43
CA ASN B 106 1.42 16.43 -5.76
C ASN B 106 2.67 16.07 -4.98
N PRO B 107 3.78 15.78 -5.68
CA PRO B 107 5.00 15.42 -4.95
C PRO B 107 5.48 16.52 -4.01
N GLU B 108 5.14 17.76 -4.34
CA GLU B 108 5.62 18.94 -3.63
C GLU B 108 4.88 19.14 -2.30
N THR B 109 3.70 18.52 -2.13
CA THR B 109 2.90 18.72 -0.91
C THR B 109 2.46 17.40 -0.25
N ASP B 110 2.30 16.35 -1.06
CA ASP B 110 1.77 15.09 -0.55
C ASP B 110 2.54 13.86 -1.03
N PRO B 111 3.87 13.82 -0.81
CA PRO B 111 4.64 12.64 -1.18
C PRO B 111 4.16 11.35 -0.49
N GLU B 112 3.48 11.47 0.65
CA GLU B 112 2.93 10.31 1.35
C GLU B 112 1.83 9.59 0.55
N ALA B 113 1.30 10.25 -0.47
CA ALA B 113 0.29 9.67 -1.30
C ALA B 113 0.83 9.12 -2.62
N LEU B 114 2.14 8.90 -2.70
CA LEU B 114 2.75 8.29 -3.88
C LEU B 114 3.26 6.89 -3.54
N PHE B 115 3.22 5.98 -4.52
CA PHE B 115 3.90 4.70 -4.38
C PHE B 115 5.43 4.92 -4.30
N GLN B 116 6.13 4.07 -3.55
CA GLN B 116 7.56 4.25 -3.30
C GLN B 116 8.40 3.22 -4.05
N LYS B 117 9.69 3.49 -4.16
CA LYS B 117 10.59 2.59 -4.87
C LYS B 117 10.46 1.17 -4.35
N GLU B 118 10.44 0.24 -5.30
CA GLU B 118 10.34 -1.21 -5.07
C GLU B 118 8.94 -1.71 -4.74
N GLN B 119 7.95 -0.83 -4.62
CA GLN B 119 6.59 -1.28 -4.40
CA GLN B 119 6.57 -1.29 -4.40
C GLN B 119 6.07 -2.00 -5.65
N LEU B 120 5.38 -3.10 -5.42
CA LEU B 120 4.70 -3.83 -6.48
C LEU B 120 3.37 -3.15 -6.81
N VAL B 121 3.13 -2.94 -8.09
CA VAL B 121 1.94 -2.21 -8.59
C VAL B 121 1.41 -2.88 -9.85
N LEU B 122 0.17 -2.55 -10.19
CA LEU B 122 -0.34 -2.77 -11.54
C LEU B 122 -0.20 -1.48 -12.28
N ALA B 123 0.41 -1.52 -13.47
CA ALA B 123 0.66 -0.29 -14.23
C ALA B 123 0.26 -0.50 -15.68
N LEU B 124 -0.31 0.53 -16.30
CA LEU B 124 -0.71 0.45 -17.71
C LEU B 124 0.55 0.43 -18.59
N TYR B 125 0.67 -0.57 -19.45
CA TYR B 125 1.85 -0.67 -20.29
C TYR B 125 1.76 0.35 -21.43
N PRO B 126 2.85 1.08 -21.71
CA PRO B 126 2.81 2.09 -22.75
C PRO B 126 2.28 1.58 -24.09
N GLN B 127 1.42 2.38 -24.68
CA GLN B 127 0.81 2.11 -25.98
C GLN B 127 -0.17 0.92 -25.96
N THR B 128 -0.65 0.59 -24.76
CA THR B 128 -1.66 -0.45 -24.58
C THR B 128 -2.79 0.08 -23.70
N THR B 129 -3.84 -0.71 -23.55
CA THR B 129 -4.91 -0.38 -22.60
C THR B 129 -4.97 -1.43 -21.50
N CYS B 130 -3.86 -2.11 -21.26
CA CYS B 130 -3.78 -3.17 -20.28
C CYS B 130 -2.78 -2.91 -19.16
N PHE B 131 -3.13 -3.41 -17.98
CA PHE B 131 -2.30 -3.27 -16.78
C PHE B 131 -1.53 -4.55 -16.52
N TYR B 132 -0.29 -4.40 -16.06
CA TYR B 132 0.59 -5.53 -15.76
C TYR B 132 1.41 -5.23 -14.52
N ARG B 133 1.90 -6.33 -13.92
CA ARG B 133 2.73 -6.23 -12.73
C ARG B 133 4.04 -5.51 -13.00
N ALA B 134 4.39 -4.60 -12.09
CA ALA B 134 5.61 -3.80 -12.20
C ALA B 134 6.12 -3.43 -10.83
N LEU B 135 7.42 -3.11 -10.72
CA LEU B 135 7.95 -2.47 -9.51
C LEU B 135 8.18 -0.99 -9.76
N ILE B 136 7.91 -0.17 -8.76
CA ILE B 136 8.25 1.25 -8.89
C ILE B 136 9.77 1.43 -8.93
N HIS B 137 10.25 2.15 -9.93
CA HIS B 137 11.64 2.53 -10.03
C HIS B 137 11.84 3.95 -9.46
N ALA B 138 10.91 4.87 -9.72
CA ALA B 138 10.98 6.20 -9.09
C ALA B 138 9.60 6.80 -9.07
N PRO B 139 9.18 7.39 -7.93
CA PRO B 139 7.97 8.22 -7.91
C PRO B 139 8.24 9.57 -8.59
N PRO B 140 7.19 10.28 -9.03
CA PRO B 140 7.42 11.59 -9.66
C PRO B 140 7.93 12.60 -8.65
N GLN B 141 8.70 13.58 -9.14
CA GLN B 141 9.18 14.70 -8.32
C GLN B 141 8.63 16.06 -8.75
N ARG B 142 7.90 16.08 -9.85
CA ARG B 142 7.23 17.29 -10.33
CA ARG B 142 7.22 17.29 -10.27
C ARG B 142 5.77 16.94 -10.51
N PRO B 143 4.87 17.94 -10.38
CA PRO B 143 3.45 17.62 -10.46
C PRO B 143 3.04 16.91 -11.74
N GLN B 144 3.73 17.20 -12.83
CA GLN B 144 3.32 16.73 -14.13
C GLN B 144 3.96 15.39 -14.49
N ASP B 145 4.87 14.91 -13.64
CA ASP B 145 5.71 13.78 -14.02
C ASP B 145 5.08 12.41 -13.75
N ASP B 146 5.50 11.45 -14.57
CA ASP B 146 5.06 10.06 -14.48
C ASP B 146 5.79 9.35 -13.35
N TYR B 147 5.28 8.20 -12.92
CA TYR B 147 6.13 7.17 -12.29
C TYR B 147 7.09 6.60 -13.34
N SER B 148 8.26 6.17 -12.87
CA SER B 148 9.10 5.27 -13.63
C SER B 148 8.94 3.90 -13.01
N VAL B 149 8.70 2.87 -13.85
CA VAL B 149 8.46 1.53 -13.32
C VAL B 149 9.27 0.52 -14.11
N LEU B 150 9.52 -0.62 -13.46
CA LEU B 150 10.11 -1.77 -14.14
C LEU B 150 9.02 -2.82 -14.30
N PHE B 151 8.56 -3.06 -15.52
CA PHE B 151 7.61 -4.15 -15.74
C PHE B 151 8.26 -5.51 -15.62
N GLU B 152 7.57 -6.47 -15.00
CA GLU B 152 7.96 -7.88 -15.17
C GLU B 152 7.86 -8.20 -16.66
N ASP B 153 8.90 -8.85 -17.18
CA ASP B 153 9.00 -9.10 -18.62
C ASP B 153 9.96 -10.26 -18.81
N THR B 154 9.41 -11.43 -19.11
CA THR B 154 10.20 -12.67 -19.30
C THR B 154 11.11 -12.63 -20.52
N SER B 155 10.96 -11.63 -21.39
CA SER B 155 11.84 -11.54 -22.57
C SER B 155 13.24 -11.03 -22.19
N TYR B 156 13.37 -10.52 -20.96
CA TYR B 156 14.68 -10.17 -20.42
C TYR B 156 15.15 -11.26 -19.48
N ALA B 157 16.43 -11.63 -19.58
CA ALA B 157 17.02 -12.68 -18.75
C ALA B 157 16.81 -12.40 -17.27
N ASP B 158 16.89 -11.12 -16.89
CA ASP B 158 16.74 -10.77 -15.48
C ASP B 158 15.28 -10.49 -15.08
N GLY B 159 14.36 -10.66 -16.03
CA GLY B 159 12.93 -10.60 -15.76
C GLY B 159 12.25 -9.25 -15.70
N TYR B 160 12.99 -8.17 -15.98
CA TYR B 160 12.44 -6.82 -15.87
C TYR B 160 12.77 -5.95 -17.07
N SER B 161 11.82 -5.08 -17.43
CA SER B 161 12.07 -4.07 -18.43
C SER B 161 13.03 -3.00 -17.91
N PRO B 162 13.60 -2.20 -18.84
CA PRO B 162 14.22 -0.95 -18.43
C PRO B 162 13.12 -0.03 -17.85
N PRO B 163 13.49 1.05 -17.15
CA PRO B 163 12.50 1.99 -16.61
C PRO B 163 11.59 2.50 -17.71
N LEU B 164 10.27 2.39 -17.50
CA LEU B 164 9.26 2.94 -18.41
C LEU B 164 8.35 3.89 -17.64
N ASN B 165 7.88 4.92 -18.32
CA ASN B 165 7.06 5.96 -17.71
C ASN B 165 5.60 5.63 -17.78
N VAL B 166 4.92 5.75 -16.64
CA VAL B 166 3.48 5.55 -16.56
C VAL B 166 2.90 6.65 -15.66
N ALA B 167 1.82 7.28 -16.14
CA ALA B 167 1.19 8.38 -15.42
C ALA B 167 0.53 7.92 -14.11
N GLN B 168 0.34 8.86 -13.19
CA GLN B 168 -0.33 8.55 -11.93
C GLN B 168 -1.73 7.94 -12.11
N ARG B 169 -2.47 8.39 -13.12
CA ARG B 169 -3.81 7.84 -13.31
C ARG B 169 -3.80 6.33 -13.52
N TYR B 170 -2.67 5.81 -13.99
CA TYR B 170 -2.59 4.44 -14.50
C TYR B 170 -1.65 3.51 -13.72
N VAL B 171 -1.45 3.85 -12.45
CA VAL B 171 -0.69 2.99 -11.51
C VAL B 171 -1.56 2.77 -10.30
N VAL B 172 -1.86 1.50 -10.01
CA VAL B 172 -2.71 1.15 -8.88
C VAL B 172 -2.09 -0.01 -8.12
N ALA B 173 -2.67 -0.27 -6.95
CA ALA B 173 -2.29 -1.38 -6.09
C ALA B 173 -2.33 -2.72 -6.80
N CYS B 174 -1.35 -3.58 -6.51
CA CYS B 174 -1.28 -4.84 -7.24
C CYS B 174 -2.20 -5.93 -6.74
N LYS B 175 -3.32 -6.11 -7.42
CA LYS B 175 -4.28 -7.18 -7.10
C LYS B 175 -4.08 -8.45 -7.93
N GLU B 176 -2.87 -8.66 -8.44
CA GLU B 176 -2.63 -9.81 -9.33
C GLU B 176 -1.47 -10.72 -8.90
N PRO B 177 -1.75 -12.03 -8.69
CA PRO B 177 -0.66 -12.99 -8.49
C PRO B 177 0.18 -13.16 -9.75
N LYS B 178 1.42 -13.65 -9.59
CA LYS B 178 2.30 -13.92 -10.72
C LYS B 178 1.86 -15.15 -11.50
N ALA C 1 7.82 3.43 26.88
CA ALA C 1 8.49 2.84 25.70
C ALA C 1 9.95 2.64 26.07
N 2MR C 2 10.60 1.53 25.36
CA 2MR C 2 12.03 1.38 25.39
CB 2MR C 2 12.41 -0.06 25.79
CG 2MR C 2 13.94 -0.24 25.81
CD 2MR C 2 14.32 -1.65 26.32
NE 2MR C 2 15.73 -1.97 26.01
CZ 2MR C 2 16.76 -1.56 26.79
NH1 2MR C 2 16.53 -0.87 27.92
CQ1 2MR C 2 17.65 -0.42 28.79
NH2 2MR C 2 18.00 -1.89 26.45
CQ2 2MR C 2 18.34 -2.65 25.24
C 2MR C 2 12.53 1.76 24.02
O 2MR C 2 12.16 1.21 22.99
N THR C 3 13.44 2.91 23.89
CA THR C 3 13.98 3.39 22.59
C THR C 3 15.32 2.70 22.34
N M3L C 4 15.78 2.79 21.11
CA M3L C 4 17.15 2.42 20.77
CB M3L C 4 17.35 2.46 19.24
CG M3L C 4 18.70 1.92 18.77
CD M3L C 4 18.67 1.72 17.26
CE M3L C 4 18.60 3.07 16.56
NZ M3L C 4 18.78 3.02 15.11
C M3L C 4 18.12 3.31 21.49
O M3L C 4 17.92 4.53 21.57
CM1 M3L C 4 20.14 2.61 14.77
CM2 M3L C 4 18.50 4.36 14.60
CM3 M3L C 4 17.80 2.12 14.47
N GLN C 5 19.18 2.70 22.02
CA GLN C 5 20.18 3.41 22.81
C GLN C 5 21.29 3.94 21.90
N ALA D 1 -9.71 -4.71 -25.74
CA ALA D 1 -8.53 -4.11 -25.11
C ALA D 1 -7.40 -4.28 -26.10
N 2MR D 2 -6.39 -3.10 -25.97
CA 2MR D 2 -5.15 -3.25 -26.75
CB 2MR D 2 -4.61 -1.90 -27.23
CG 2MR D 2 -3.37 -2.04 -28.12
CD 2MR D 2 -3.11 -0.74 -28.87
NE 2MR D 2 -1.85 -0.86 -29.64
CZ 2MR D 2 -1.84 -1.23 -30.91
NH1 2MR D 2 -2.99 -1.54 -31.54
CQ1 2MR D 2 -3.03 -1.96 -32.96
NH2 2MR D 2 -0.67 -1.31 -31.58
CQ2 2MR D 2 0.60 -0.97 -30.91
C 2MR D 2 -4.13 -3.87 -25.82
O 2MR D 2 -3.76 -3.32 -24.78
N THR D 3 -3.53 -5.25 -26.02
CA THR D 3 -2.54 -5.92 -25.14
C THR D 3 -1.14 -5.53 -25.58
N M3L D 4 -0.19 -5.73 -24.68
CA M3L D 4 1.23 -5.70 -25.03
CB M3L D 4 1.99 -6.07 -23.76
CG M3L D 4 3.50 -6.11 -23.92
CD M3L D 4 4.08 -6.02 -22.52
CE M3L D 4 3.89 -7.32 -21.73
NZ M3L D 4 4.70 -7.34 -20.49
C M3L D 4 1.54 -6.68 -26.12
O M3L D 4 1.00 -7.79 -26.15
CM1 M3L D 4 6.13 -7.32 -20.81
CM2 M3L D 4 4.40 -8.57 -19.75
CM3 M3L D 4 4.35 -6.20 -19.61
S SO4 E . -0.31 16.82 13.93
O1 SO4 E . 0.66 17.89 13.66
O2 SO4 E . 0.01 15.65 13.12
O3 SO4 E . -1.65 17.28 13.58
O4 SO4 E . -0.25 16.48 15.35
S SO4 F . -14.80 -13.63 -8.99
O1 SO4 F . -13.87 -12.54 -8.68
O2 SO4 F . -14.30 -14.92 -8.52
O3 SO4 F . -15.18 -13.64 -10.39
O4 SO4 F . -16.01 -13.39 -8.24
S SO4 G . 14.57 1.76 29.12
O1 SO4 G . 15.11 2.19 30.42
O2 SO4 G . 15.57 2.08 28.10
O3 SO4 G . 13.29 2.39 28.81
O4 SO4 G . 14.37 0.33 29.17
#